data_3PD4
#
_entry.id   3PD4
#
_cell.length_a   40.335
_cell.length_b   69.083
_cell.length_c   94.659
_cell.angle_alpha   90.00
_cell.angle_beta   90.00
_cell.angle_gamma   90.00
#
_symmetry.space_group_name_H-M   'P 21 21 21'
#
loop_
_entity.id
_entity.type
_entity.pdbx_description
1 polymer 'Threonyl-tRNA synthetase'
2 non-polymer "3'-deoxy-3'-(glycylamino)adenosine"
3 water water
#
_entity_poly.entity_id   1
_entity_poly.type   'polypeptide(L)'
_entity_poly.pdbx_seq_one_letter_code
;MRVLLIHSDYIEYEVKDKALKNPEPISEDMKRGRMEEVLVAFISVEKVDEKNPEEVSLKAIEEISKVAEQVKAENVFVYP
FAHLSSELAKPSVAMDILNRVYQGLKERGFNVGKAPFGYYKAFKISCKGHPLAELSRTIVPEEARVE
;
_entity_poly.pdbx_strand_id   A,B
#
loop_
_chem_comp.id
_chem_comp.type
_chem_comp.name
_chem_comp.formula
A3G non-polymer 3'-deoxy-3'-(glycylamino)adenosine 'C12 H17 N7 O4'
#
# COMPACT_ATOMS: atom_id res chain seq x y z
N MET A 1 3.07 -12.29 -7.76
CA MET A 1 3.31 -10.82 -7.71
C MET A 1 2.07 -10.08 -7.24
N ARG A 2 2.24 -9.15 -6.32
CA ARG A 2 1.18 -8.27 -5.92
C ARG A 2 1.50 -6.82 -6.34
N VAL A 3 0.55 -6.18 -7.02
CA VAL A 3 0.72 -4.82 -7.58
C VAL A 3 -0.33 -3.88 -6.98
N LEU A 4 0.09 -2.72 -6.53
CA LEU A 4 -0.85 -1.72 -6.06
C LEU A 4 -0.66 -0.42 -6.84
N LEU A 5 -1.67 -0.05 -7.62
CA LEU A 5 -1.53 1.06 -8.55
C LEU A 5 -2.23 2.28 -7.98
N ILE A 6 -1.46 3.35 -7.76
CA ILE A 6 -1.99 4.59 -7.20
C ILE A 6 -1.80 5.72 -8.23
N HIS A 7 -2.91 6.18 -8.81
CA HIS A 7 -2.84 7.32 -9.73
C HIS A 7 -2.66 8.62 -8.94
N SER A 8 -1.52 9.29 -9.15
CA SER A 8 -1.02 10.32 -8.24
C SER A 8 -0.71 11.68 -8.90
N ASP A 9 -0.78 12.72 -8.05
CA ASP A 9 -0.37 14.08 -8.40
C ASP A 9 1.16 14.13 -8.41
N TYR A 10 1.75 13.37 -7.49
CA TYR A 10 3.20 13.21 -7.40
C TYR A 10 3.61 11.96 -6.61
N ILE A 11 4.89 11.64 -6.73
CA ILE A 11 5.57 10.63 -5.93
C ILE A 11 6.98 11.18 -5.71
N GLU A 12 7.40 11.23 -4.45
CA GLU A 12 8.75 11.63 -4.11
C GLU A 12 9.28 10.58 -3.15
N TYR A 13 10.62 10.35 -3.16
CA TYR A 13 11.30 9.51 -2.20
C TYR A 13 12.68 10.05 -1.80
N GLU A 14 13.12 9.71 -0.59
CA GLU A 14 14.48 9.94 -0.18
C GLU A 14 15.12 8.64 0.32
N VAL A 15 16.20 8.21 -0.34
CA VAL A 15 16.94 7.04 0.12
C VAL A 15 17.47 7.30 1.52
N LYS A 16 17.17 6.37 2.43
CA LYS A 16 17.72 6.44 3.76
C LYS A 16 18.68 5.25 3.99
N ASP A 17 18.40 4.40 4.96
CA ASP A 17 19.29 3.31 5.28
C ASP A 17 19.20 2.22 4.23
N LYS A 18 20.18 1.31 4.24
CA LYS A 18 20.13 0.12 3.41
C LYS A 18 19.29 -0.93 4.13
N ALA A 19 18.44 -1.61 3.37
CA ALA A 19 17.52 -2.60 3.94
C ALA A 19 17.95 -4.04 3.62
N LEU A 20 18.93 -4.19 2.75
CA LEU A 20 19.47 -5.49 2.39
C LEU A 20 20.97 -5.53 2.62
N LYS A 21 21.50 -6.76 2.74
CA LYS A 21 22.95 -7.01 2.64
C LYS A 21 23.46 -6.72 1.25
N ASN A 22 22.65 -7.04 0.23
CA ASN A 22 22.99 -6.80 -1.18
C ASN A 22 22.22 -5.67 -1.91
N PRO A 23 22.18 -4.43 -1.37
CA PRO A 23 21.38 -3.45 -2.10
C PRO A 23 21.93 -3.10 -3.48
N GLU A 24 21.03 -2.77 -4.40
CA GLU A 24 21.36 -2.17 -5.67
C GLU A 24 22.40 -1.07 -5.46
N PRO A 25 23.53 -1.13 -6.18
CA PRO A 25 24.47 0.01 -6.11
C PRO A 25 23.77 1.27 -6.58
N ILE A 26 24.00 2.41 -5.93
CA ILE A 26 23.35 3.64 -6.38
C ILE A 26 24.23 4.89 -6.52
N SER A 27 23.94 5.65 -7.57
CA SER A 27 24.61 6.93 -7.81
C SER A 27 23.98 8.04 -6.97
N GLU A 28 24.66 9.17 -6.92
CA GLU A 28 24.25 10.31 -6.11
C GLU A 28 22.86 10.80 -6.55
N ASP A 29 22.67 10.87 -7.87
CA ASP A 29 21.41 11.33 -8.47
C ASP A 29 20.18 10.51 -8.13
N MET A 30 20.38 9.30 -7.60
CA MET A 30 19.29 8.37 -7.34
C MET A 30 18.77 8.38 -5.90
N LYS A 31 19.50 9.04 -5.02
CA LYS A 31 19.12 9.16 -3.59
C LYS A 31 17.77 9.81 -3.34
N ARG A 32 17.43 10.78 -4.17
CA ARG A 32 16.17 11.48 -4.17
C ARG A 32 15.61 11.49 -5.60
N GLY A 33 14.29 11.44 -5.70
CA GLY A 33 13.61 11.50 -6.99
C GLY A 33 12.22 12.03 -6.78
N ARG A 34 11.61 12.50 -7.85
CA ARG A 34 10.26 13.03 -7.79
C ARG A 34 9.67 13.04 -9.18
N MET A 35 8.39 12.68 -9.24
CA MET A 35 7.69 12.59 -10.48
C MET A 35 6.23 13.00 -10.25
N GLU A 36 5.72 13.88 -11.11
CA GLU A 36 4.34 14.35 -11.11
C GLU A 36 3.48 13.64 -12.16
N GLU A 37 2.17 13.63 -11.89
CA GLU A 37 1.11 13.12 -12.80
C GLU A 37 1.32 11.67 -13.20
N VAL A 38 1.19 10.78 -12.24
CA VAL A 38 1.97 9.54 -12.33
C VAL A 38 1.25 8.35 -11.76
N LEU A 39 1.25 7.27 -12.53
CA LEU A 39 0.76 6.01 -12.04
C LEU A 39 1.88 5.38 -11.27
N VAL A 40 1.73 5.37 -9.96
CA VAL A 40 2.71 4.75 -9.10
C VAL A 40 2.31 3.28 -8.93
N ALA A 41 3.24 2.41 -9.34
CA ALA A 41 3.12 0.98 -9.18
C ALA A 41 3.96 0.47 -7.98
N PHE A 42 3.31 0.25 -6.85
CA PHE A 42 3.94 -0.43 -5.72
C PHE A 42 3.88 -1.91 -5.95
N ILE A 43 5.04 -2.56 -5.95
CA ILE A 43 5.11 -3.97 -6.38
C ILE A 43 5.91 -4.85 -5.43
N SER A 44 5.26 -5.94 -5.00
CA SER A 44 5.96 -7.02 -4.30
C SER A 44 6.09 -8.25 -5.17
N VAL A 45 7.33 -8.61 -5.45
CA VAL A 45 7.60 -9.83 -6.14
C VAL A 45 7.46 -10.97 -5.12
N GLU A 46 6.61 -11.94 -5.48
CA GLU A 46 6.32 -13.06 -4.63
C GLU A 46 7.14 -14.33 -4.97
N LYS A 47 7.16 -15.26 -4.02
CA LYS A 47 7.84 -16.54 -4.15
C LYS A 47 7.35 -17.33 -5.38
N VAL A 48 6.04 -17.33 -5.56
CA VAL A 48 5.38 -17.95 -6.70
C VAL A 48 6.06 -17.47 -8.00
N ASP A 49 6.36 -16.16 -8.10
CA ASP A 49 6.92 -15.55 -9.33
C ASP A 49 8.27 -16.12 -9.75
N GLU A 50 9.11 -16.50 -8.79
CA GLU A 50 10.41 -17.09 -9.10
C GLU A 50 10.33 -18.22 -10.12
N LYS A 51 9.16 -18.84 -10.26
CA LYS A 51 8.97 -19.97 -11.19
C LYS A 51 9.11 -19.57 -12.65
N ASN A 52 8.73 -18.34 -12.95
CA ASN A 52 8.78 -17.82 -14.33
C ASN A 52 8.83 -16.28 -14.28
N PRO A 53 10.01 -15.70 -13.99
CA PRO A 53 10.27 -14.26 -13.99
C PRO A 53 9.77 -13.51 -15.23
N GLU A 54 9.96 -14.09 -16.41
CA GLU A 54 9.57 -13.45 -17.68
C GLU A 54 8.05 -13.36 -17.87
N GLU A 55 7.36 -14.45 -17.55
CA GLU A 55 5.89 -14.52 -17.72
C GLU A 55 5.18 -13.46 -16.87
N VAL A 56 5.51 -13.37 -15.57
CA VAL A 56 4.93 -12.35 -14.69
C VAL A 56 5.35 -10.91 -15.03
N SER A 57 6.57 -10.74 -15.50
CA SER A 57 7.07 -9.47 -15.96
C SER A 57 6.23 -8.99 -17.15
N LEU A 58 6.12 -9.85 -18.17
CA LEU A 58 5.32 -9.53 -19.36
C LEU A 58 3.93 -9.16 -18.90
N LYS A 59 3.32 -10.02 -18.10
CA LYS A 59 1.97 -9.81 -17.57
C LYS A 59 1.82 -8.51 -16.78
N ALA A 60 2.80 -8.18 -15.93
CA ALA A 60 2.81 -6.89 -15.23
C ALA A 60 2.94 -5.69 -16.16
N ILE A 61 3.75 -5.83 -17.20
CA ILE A 61 3.86 -4.77 -18.20
C ILE A 61 2.48 -4.48 -18.84
N GLU A 62 1.90 -5.48 -19.47
CA GLU A 62 0.55 -5.42 -20.06
C GLU A 62 -0.52 -4.82 -19.14
N GLU A 63 -0.61 -5.34 -17.93
CA GLU A 63 -1.60 -4.89 -16.95
C GLU A 63 -1.51 -3.44 -16.53
N ILE A 64 -0.29 -2.99 -16.24
CA ILE A 64 0.02 -1.64 -15.76
C ILE A 64 -0.07 -0.62 -16.91
N SER A 65 0.30 -1.08 -18.10
CA SER A 65 0.19 -0.28 -19.30
C SER A 65 -1.25 0.08 -19.60
N LYS A 66 -2.15 -0.84 -19.23
CA LYS A 66 -3.60 -0.74 -19.44
C LYS A 66 -4.27 0.19 -18.46
N VAL A 67 -3.82 0.17 -17.22
CA VAL A 67 -4.41 1.06 -16.25
C VAL A 67 -3.94 2.50 -16.52
N ALA A 68 -2.68 2.63 -16.94
CA ALA A 68 -2.10 3.92 -17.31
C ALA A 68 -2.85 4.56 -18.48
N GLU A 69 -3.23 3.75 -19.46
CA GLU A 69 -4.00 4.22 -20.60
C GLU A 69 -5.47 4.60 -20.29
N GLN A 70 -6.10 3.89 -19.35
CA GLN A 70 -7.46 4.24 -18.98
C GLN A 70 -7.57 5.30 -17.88
N VAL A 71 -6.43 5.76 -17.35
CA VAL A 71 -6.41 6.89 -16.42
C VAL A 71 -5.66 8.05 -17.07
N LYS A 72 -5.26 7.85 -18.34
CA LYS A 72 -4.57 8.86 -19.15
C LYS A 72 -3.21 9.32 -18.57
N ALA A 73 -2.57 8.44 -17.80
CA ALA A 73 -1.24 8.73 -17.23
C ALA A 73 -0.11 8.47 -18.24
N GLU A 74 0.66 9.51 -18.54
CA GLU A 74 1.83 9.38 -19.40
C GLU A 74 3.09 8.97 -18.61
N ASN A 75 3.04 9.16 -17.30
CA ASN A 75 4.12 8.83 -16.37
C ASN A 75 3.79 7.66 -15.46
N VAL A 76 4.72 6.73 -15.34
CA VAL A 76 4.59 5.55 -14.49
C VAL A 76 5.83 5.48 -13.62
N PHE A 77 5.71 4.97 -12.41
CA PHE A 77 6.80 4.92 -11.48
C PHE A 77 6.83 3.57 -10.79
N VAL A 78 7.91 2.82 -11.01
CA VAL A 78 8.04 1.50 -10.39
C VAL A 78 8.63 1.67 -9.00
N TYR A 79 7.86 1.24 -8.01
CA TYR A 79 8.23 1.45 -6.64
C TYR A 79 8.38 0.11 -5.90
N PRO A 80 9.62 -0.32 -5.62
CA PRO A 80 9.74 -1.58 -4.88
C PRO A 80 9.12 -1.41 -3.49
N PHE A 81 8.22 -2.33 -3.18
CA PHE A 81 7.48 -2.25 -1.95
C PHE A 81 7.21 -3.67 -1.49
N ALA A 82 8.15 -4.27 -0.79
CA ALA A 82 8.00 -5.63 -0.20
C ALA A 82 6.78 -5.81 0.74
N HIS A 83 6.01 -4.76 0.98
CA HIS A 83 5.03 -4.85 2.04
C HIS A 83 3.64 -5.24 1.59
N LEU A 84 3.50 -5.49 0.29
CA LEU A 84 2.21 -5.84 -0.30
C LEU A 84 1.90 -7.31 -0.22
N SER A 85 2.85 -8.11 0.24
CA SER A 85 2.67 -9.56 0.34
C SER A 85 3.49 -10.19 1.45
N SER A 86 3.06 -11.40 1.80
CA SER A 86 3.58 -12.19 2.92
C SER A 86 4.46 -13.37 2.47
N GLU A 87 4.29 -13.80 1.21
CA GLU A 87 5.10 -14.86 0.58
C GLU A 87 6.05 -14.27 -0.48
N LEU A 88 7.13 -13.69 0.01
CA LEU A 88 7.96 -12.76 -0.73
C LEU A 88 9.04 -13.51 -1.49
N ALA A 89 9.33 -13.10 -2.73
CA ALA A 89 10.46 -13.68 -3.49
C ALA A 89 11.81 -13.24 -2.96
N LYS A 90 12.84 -13.98 -3.33
CA LYS A 90 14.17 -13.63 -2.87
C LYS A 90 14.63 -12.34 -3.58
N PRO A 91 15.29 -11.43 -2.84
CA PRO A 91 15.73 -10.14 -3.35
C PRO A 91 16.27 -10.16 -4.79
N SER A 92 17.21 -11.07 -5.07
CA SER A 92 17.90 -11.13 -6.34
C SER A 92 16.93 -11.36 -7.50
N VAL A 93 15.94 -12.22 -7.27
CA VAL A 93 14.84 -12.52 -8.20
C VAL A 93 13.90 -11.29 -8.35
N ALA A 94 13.54 -10.69 -7.22
CA ALA A 94 12.77 -9.47 -7.13
C ALA A 94 13.42 -8.30 -7.87
N MET A 95 14.73 -8.13 -7.68
CA MET A 95 15.49 -7.05 -8.32
C MET A 95 15.51 -7.22 -9.85
N ASP A 96 15.87 -8.40 -10.32
CA ASP A 96 15.66 -8.80 -11.71
C ASP A 96 14.29 -8.44 -12.28
N ILE A 97 13.22 -8.95 -11.65
CA ILE A 97 11.85 -8.78 -12.13
C ILE A 97 11.34 -7.33 -12.20
N LEU A 98 11.71 -6.54 -11.20
CA LEU A 98 11.39 -5.12 -11.12
C LEU A 98 12.02 -4.31 -12.27
N ASN A 99 13.21 -4.76 -12.72
CA ASN A 99 13.93 -4.20 -13.84
C ASN A 99 13.32 -4.55 -15.18
N ARG A 100 12.93 -5.80 -15.35
CA ARG A 100 12.26 -6.21 -16.59
C ARG A 100 10.94 -5.42 -16.75
N VAL A 101 10.17 -5.31 -15.66
CA VAL A 101 8.93 -4.51 -15.63
C VAL A 101 9.19 -3.06 -16.03
N TYR A 102 10.23 -2.50 -15.43
CA TYR A 102 10.63 -1.14 -15.62
C TYR A 102 11.07 -0.87 -17.08
N GLN A 103 12.01 -1.69 -17.53
CA GLN A 103 12.47 -1.60 -18.89
C GLN A 103 11.31 -1.91 -19.86
N GLY A 104 10.43 -2.83 -19.47
CA GLY A 104 9.29 -3.22 -20.29
C GLY A 104 8.35 -2.07 -20.58
N LEU A 105 8.08 -1.28 -19.53
CA LEU A 105 7.27 -0.07 -19.57
C LEU A 105 7.93 1.08 -20.36
N LYS A 106 9.26 1.27 -20.22
CA LYS A 106 9.99 2.22 -21.04
C LYS A 106 9.85 1.90 -22.54
N GLU A 107 9.93 0.60 -22.88
CA GLU A 107 9.87 0.13 -24.28
C GLU A 107 8.52 0.44 -24.92
N ARG A 108 7.50 0.61 -24.08
CA ARG A 108 6.14 0.92 -24.51
C ARG A 108 5.96 2.40 -24.80
N GLY A 109 6.93 3.23 -24.42
CA GLY A 109 6.85 4.65 -24.75
C GLY A 109 6.53 5.56 -23.59
N PHE A 110 6.21 4.97 -22.44
CA PHE A 110 5.85 5.75 -21.27
C PHE A 110 7.06 6.46 -20.71
N ASN A 111 6.82 7.47 -19.88
CA ASN A 111 7.91 8.06 -19.12
C ASN A 111 7.98 7.37 -17.75
N VAL A 112 8.99 6.53 -17.55
CA VAL A 112 9.05 5.66 -16.37
C VAL A 112 10.18 6.05 -15.41
N GLY A 113 9.81 6.28 -14.15
CA GLY A 113 10.79 6.44 -13.06
C GLY A 113 10.86 5.18 -12.18
N LYS A 114 11.88 5.10 -11.33
CA LYS A 114 12.01 3.99 -10.41
C LYS A 114 12.71 4.46 -9.13
N ALA A 115 12.45 3.79 -8.02
CA ALA A 115 13.18 3.99 -6.80
C ALA A 115 14.10 2.79 -6.60
N PRO A 116 15.32 3.04 -6.14
CA PRO A 116 16.30 1.98 -5.83
C PRO A 116 15.84 0.85 -4.90
N PHE A 117 16.25 -0.35 -5.28
CA PHE A 117 15.89 -1.57 -4.62
C PHE A 117 16.83 -1.85 -3.45
N GLY A 118 16.29 -2.24 -2.30
CA GLY A 118 17.13 -2.60 -1.16
C GLY A 118 17.34 -1.53 -0.08
N TYR A 119 16.51 -0.51 -0.11
CA TYR A 119 16.70 0.60 0.78
C TYR A 119 15.40 0.96 1.47
N TYR A 120 15.52 1.49 2.69
CA TYR A 120 14.44 2.18 3.32
C TYR A 120 14.35 3.58 2.69
N LYS A 121 13.15 4.05 2.38
CA LYS A 121 12.97 5.37 1.78
C LYS A 121 11.88 6.17 2.45
N ALA A 122 12.13 7.46 2.65
CA ALA A 122 11.03 8.35 2.98
C ALA A 122 10.35 8.49 1.65
N PHE A 123 9.02 8.56 1.64
CA PHE A 123 8.30 8.83 0.41
C PHE A 123 7.07 9.68 0.69
N LYS A 124 6.71 10.54 -0.28
CA LYS A 124 5.40 11.22 -0.30
C LYS A 124 4.61 10.81 -1.54
N ILE A 125 3.31 10.63 -1.37
CA ILE A 125 2.41 10.41 -2.50
C ILE A 125 1.12 11.21 -2.31
N SER A 126 0.52 11.63 -3.41
CA SER A 126 -0.77 12.25 -3.37
C SER A 126 -1.71 11.55 -4.36
N CYS A 127 -2.57 10.70 -3.80
CA CYS A 127 -3.60 9.97 -4.55
C CYS A 127 -4.73 10.90 -4.97
N LYS A 128 -5.07 10.80 -6.25
CA LYS A 128 -6.13 11.59 -6.86
C LYS A 128 -7.54 11.26 -6.35
N GLY A 129 -7.76 10.03 -5.88
CA GLY A 129 -9.06 9.65 -5.29
C GLY A 129 -10.25 9.50 -6.25
N HIS A 130 -9.95 9.29 -7.54
CA HIS A 130 -10.95 8.87 -8.51
C HIS A 130 -11.24 7.42 -8.30
N PRO A 131 -12.39 6.94 -8.83
CA PRO A 131 -12.71 5.52 -8.85
C PRO A 131 -11.56 4.65 -9.36
N LEU A 132 -10.79 5.13 -10.33
CA LEU A 132 -9.75 4.33 -10.95
C LEU A 132 -8.38 4.68 -10.41
N ALA A 133 -8.37 5.42 -9.31
CA ALA A 133 -7.12 5.95 -8.77
C ALA A 133 -6.39 4.93 -7.88
N GLU A 134 -7.11 3.86 -7.52
CA GLU A 134 -6.62 2.84 -6.60
C GLU A 134 -7.01 1.49 -7.13
N LEU A 135 -6.02 0.73 -7.59
CA LEU A 135 -6.27 -0.59 -8.13
C LEU A 135 -5.20 -1.57 -7.63
N SER A 136 -5.59 -2.83 -7.50
CA SER A 136 -4.64 -3.87 -7.15
C SER A 136 -4.83 -5.05 -8.08
N ARG A 137 -3.74 -5.75 -8.34
CA ARG A 137 -3.78 -7.02 -9.10
C ARG A 137 -2.81 -8.03 -8.49
N THR A 138 -3.23 -9.29 -8.49
CA THR A 138 -2.30 -10.40 -8.19
C THR A 138 -1.98 -11.17 -9.49
N ILE A 139 -0.69 -11.18 -9.83
CA ILE A 139 -0.22 -11.76 -11.09
C ILE A 139 0.77 -12.85 -10.76
N VAL A 140 0.43 -14.09 -11.14
CA VAL A 140 1.20 -15.27 -10.83
C VAL A 140 1.52 -15.97 -12.15
N PRO A 141 2.66 -16.69 -12.22
CA PRO A 141 2.97 -17.50 -13.41
C PRO A 141 2.01 -18.69 -13.54
N GLU A 142 1.49 -18.92 -14.74
CA GLU A 142 0.67 -20.11 -14.99
C GLU A 142 1.49 -21.37 -15.30
N GLU A 143 2.79 -21.21 -15.61
CA GLU A 143 3.69 -22.34 -15.91
C GLU A 143 5.18 -21.96 -15.79
N ALA A 144 6.00 -22.92 -15.34
CA ALA A 144 7.45 -22.73 -15.13
C ALA A 144 8.25 -22.40 -16.40
N ARG A 145 9.27 -21.56 -16.26
CA ARG A 145 10.17 -21.26 -17.39
C ARG A 145 10.95 -22.47 -17.88
N VAL A 146 11.52 -22.33 -19.08
CA VAL A 146 12.41 -23.33 -19.65
C VAL A 146 13.86 -23.02 -19.25
N MET B 1 -7.34 -10.53 7.58
CA MET B 1 -7.13 -9.06 7.58
C MET B 1 -5.71 -8.74 7.17
N ARG B 2 -5.57 -7.84 6.22
CA ARG B 2 -4.28 -7.36 5.82
C ARG B 2 -4.09 -5.96 6.39
N VAL B 3 -2.95 -5.73 7.03
CA VAL B 3 -2.65 -4.44 7.65
C VAL B 3 -1.33 -3.86 7.14
N LEU B 4 -1.37 -2.67 6.56
CA LEU B 4 -0.17 -1.95 6.17
C LEU B 4 0.08 -0.69 7.05
N LEU B 5 1.20 -0.65 7.75
CA LEU B 5 1.45 0.41 8.73
C LEU B 5 2.51 1.37 8.26
N ILE B 6 2.13 2.65 8.18
CA ILE B 6 3.02 3.66 7.65
C ILE B 6 3.18 4.75 8.67
N HIS B 7 4.34 4.78 9.32
CA HIS B 7 4.67 5.86 10.20
C HIS B 7 4.96 7.12 9.36
N SER B 8 4.05 8.08 9.45
CA SER B 8 4.09 9.29 8.65
C SER B 8 4.17 10.62 9.39
N ASP B 9 4.77 11.58 8.71
CA ASP B 9 4.75 12.96 9.13
C ASP B 9 3.32 13.49 9.23
N TYR B 10 2.47 13.07 8.30
CA TYR B 10 1.08 13.48 8.22
C TYR B 10 0.29 12.47 7.41
N ILE B 11 -1.03 12.46 7.62
CA ILE B 11 -1.98 11.78 6.74
C ILE B 11 -3.11 12.80 6.50
N GLU B 12 -3.56 12.91 5.27
CA GLU B 12 -4.59 13.88 4.94
C GLU B 12 -5.48 13.26 3.86
N TYR B 13 -6.79 13.42 3.98
CA TYR B 13 -7.75 12.80 3.04
C TYR B 13 -8.88 13.74 2.63
N GLU B 14 -9.56 13.35 1.56
CA GLU B 14 -10.72 14.09 1.10
C GLU B 14 -11.67 13.15 0.43
N VAL B 15 -12.88 13.05 0.98
CA VAL B 15 -13.91 12.21 0.38
C VAL B 15 -14.33 12.74 -1.00
N LYS B 16 -14.26 11.84 -1.98
CA LYS B 16 -14.73 12.09 -3.33
C LYS B 16 -16.00 11.25 -3.58
N ASP B 17 -16.09 10.55 -4.71
CA ASP B 17 -17.30 9.77 -5.00
C ASP B 17 -17.49 8.59 -4.01
N LYS B 18 -18.73 8.11 -3.90
CA LYS B 18 -19.02 6.90 -3.15
C LYS B 18 -18.58 5.69 -3.95
N ALA B 19 -18.08 4.68 -3.24
CA ALA B 19 -17.52 3.52 -3.88
C ALA B 19 -18.40 2.29 -3.70
N LEU B 20 -19.32 2.39 -2.72
CA LEU B 20 -20.39 1.41 -2.45
C LEU B 20 -21.78 2.07 -2.56
N LYS B 21 -22.82 1.26 -2.74
CA LYS B 21 -24.20 1.75 -2.83
C LYS B 21 -24.60 2.40 -1.50
N ASN B 22 -24.27 1.71 -0.40
CA ASN B 22 -24.49 2.21 0.95
C ASN B 22 -23.20 2.55 1.70
N PRO B 23 -22.57 3.71 1.40
CA PRO B 23 -21.39 4.08 2.20
C PRO B 23 -21.76 4.53 3.60
N GLU B 24 -20.80 4.41 4.51
CA GLU B 24 -20.97 4.89 5.89
C GLU B 24 -21.53 6.33 5.87
N PRO B 25 -22.68 6.54 6.52
CA PRO B 25 -23.20 7.90 6.67
C PRO B 25 -22.18 8.77 7.39
N ILE B 26 -21.89 9.95 6.81
CA ILE B 26 -20.90 10.86 7.38
C ILE B 26 -21.41 12.29 7.42
N SER B 27 -20.76 13.09 8.26
CA SER B 27 -21.07 14.48 8.43
C SER B 27 -20.22 15.25 7.44
N GLU B 28 -20.45 16.55 7.34
CA GLU B 28 -19.62 17.43 6.53
C GLU B 28 -18.20 17.48 7.10
N ASP B 29 -18.10 17.60 8.42
CA ASP B 29 -16.80 17.60 9.11
C ASP B 29 -15.97 16.34 8.78
N MET B 30 -16.64 15.20 8.65
CA MET B 30 -15.99 13.93 8.33
C MET B 30 -15.50 13.82 6.87
N LYS B 31 -15.80 14.83 6.05
CA LYS B 31 -15.47 14.78 4.61
C LYS B 31 -14.00 15.00 4.33
N ARG B 32 -13.34 15.72 5.22
CA ARG B 32 -11.89 15.93 5.15
C ARG B 32 -11.30 15.62 6.49
N GLY B 33 -10.09 15.09 6.48
CA GLY B 33 -9.33 14.92 7.70
C GLY B 33 -7.84 15.21 7.57
N ARG B 34 -7.19 15.36 8.72
CA ARG B 34 -5.75 15.44 8.79
C ARG B 34 -5.25 15.14 10.18
N MET B 35 -4.07 14.51 10.23
CA MET B 35 -3.43 14.08 11.46
C MET B 35 -1.93 14.01 11.19
N GLU B 36 -1.12 14.35 12.19
CA GLU B 36 0.34 14.50 12.01
C GLU B 36 1.09 13.65 13.01
N GLU B 37 2.32 13.29 12.69
CA GLU B 37 3.10 12.41 13.57
C GLU B 37 2.24 11.17 13.92
N VAL B 38 1.94 10.40 12.88
CA VAL B 38 0.86 9.43 12.98
C VAL B 38 1.25 8.07 12.42
N LEU B 39 0.99 7.02 13.18
CA LEU B 39 0.99 5.67 12.63
C LEU B 39 -0.32 5.51 11.84
N VAL B 40 -0.19 5.27 10.55
CA VAL B 40 -1.35 5.13 9.67
C VAL B 40 -1.55 3.65 9.46
N ALA B 41 -2.77 3.19 9.70
CA ALA B 41 -3.11 1.82 9.58
C ALA B 41 -4.11 1.67 8.43
N PHE B 42 -3.58 1.28 7.26
CA PHE B 42 -4.36 0.86 6.10
C PHE B 42 -4.79 -0.57 6.33
N ILE B 43 -6.11 -0.78 6.37
CA ILE B 43 -6.68 -2.10 6.69
C ILE B 43 -7.68 -2.58 5.65
N SER B 44 -7.47 -3.82 5.23
CA SER B 44 -8.43 -4.55 4.39
C SER B 44 -8.99 -5.69 5.23
N VAL B 45 -10.32 -5.71 5.41
CA VAL B 45 -11.00 -6.79 6.12
C VAL B 45 -11.34 -7.86 5.11
N GLU B 46 -10.90 -9.08 5.43
CA GLU B 46 -10.92 -10.18 4.47
C GLU B 46 -12.02 -11.17 4.80
N LYS B 47 -12.45 -11.95 3.81
CA LYS B 47 -13.56 -12.89 4.02
C LYS B 47 -13.33 -13.82 5.21
N VAL B 48 -12.16 -14.45 5.24
CA VAL B 48 -11.77 -15.32 6.38
C VAL B 48 -12.06 -14.68 7.74
N ASP B 49 -12.01 -13.34 7.80
CA ASP B 49 -12.18 -12.60 9.07
C ASP B 49 -13.59 -12.74 9.66
N GLU B 50 -14.56 -13.07 8.81
CA GLU B 50 -15.97 -13.14 9.20
C GLU B 50 -16.23 -14.21 10.26
N LYS B 51 -15.37 -15.25 10.27
CA LYS B 51 -15.42 -16.35 11.26
C LYS B 51 -15.24 -15.93 12.75
N ASN B 52 -14.38 -14.94 12.99
CA ASN B 52 -14.22 -14.40 14.34
C ASN B 52 -13.83 -12.93 14.30
N PRO B 53 -14.81 -12.03 14.13
CA PRO B 53 -14.53 -10.59 14.11
C PRO B 53 -13.87 -10.02 15.39
N GLU B 54 -14.03 -10.72 16.52
CA GLU B 54 -13.50 -10.25 17.81
C GLU B 54 -12.04 -10.67 18.01
N GLU B 55 -11.73 -11.90 17.61
CA GLU B 55 -10.37 -12.39 17.67
C GLU B 55 -9.45 -11.61 16.75
N VAL B 56 -9.89 -11.37 15.51
CA VAL B 56 -9.01 -10.64 14.56
C VAL B 56 -8.79 -9.17 14.97
N SER B 57 -9.85 -8.57 15.52
CA SER B 57 -9.79 -7.21 16.02
C SER B 57 -8.74 -7.09 17.11
N LEU B 58 -8.84 -8.00 18.07
CA LEU B 58 -7.96 -8.07 19.23
C LEU B 58 -6.47 -8.17 18.92
N LYS B 59 -6.09 -8.99 17.95
CA LYS B 59 -4.69 -9.13 17.61
C LYS B 59 -4.21 -8.03 16.70
N ALA B 60 -5.12 -7.50 15.88
CA ALA B 60 -4.89 -6.23 15.14
C ALA B 60 -4.62 -5.07 16.08
N ILE B 61 -5.46 -4.89 17.09
CA ILE B 61 -5.30 -3.82 18.09
C ILE B 61 -3.97 -3.99 18.80
N GLU B 62 -3.66 -5.23 19.19
CA GLU B 62 -2.46 -5.52 19.91
C GLU B 62 -1.26 -5.30 19.01
N GLU B 63 -1.36 -5.71 17.76
CA GLU B 63 -0.24 -5.57 16.86
C GLU B 63 0.08 -4.12 16.52
N ILE B 64 -0.97 -3.32 16.29
CA ILE B 64 -0.84 -1.91 15.91
C ILE B 64 -0.29 -1.07 17.07
N SER B 65 -0.66 -1.43 18.30
CA SER B 65 -0.24 -0.76 19.53
C SER B 65 1.25 -0.98 19.76
N LYS B 66 1.65 -2.22 19.49
CA LYS B 66 3.00 -2.70 19.62
C LYS B 66 3.90 -1.86 18.72
N VAL B 67 3.51 -1.71 17.47
CA VAL B 67 4.29 -0.91 16.51
C VAL B 67 4.27 0.56 16.92
N ALA B 68 3.09 1.07 17.24
CA ALA B 68 2.95 2.44 17.71
C ALA B 68 3.90 2.77 18.91
N GLU B 69 4.07 1.79 19.81
CA GLU B 69 4.95 1.92 20.97
C GLU B 69 6.45 1.89 20.57
N GLN B 70 6.80 1.00 19.63
CA GLN B 70 8.16 0.87 19.05
C GLN B 70 8.62 2.12 18.32
N VAL B 71 7.67 2.69 17.62
CA VAL B 71 7.85 3.79 16.70
C VAL B 71 7.71 5.14 17.45
N LYS B 72 7.16 5.07 18.67
CA LYS B 72 6.88 6.20 19.60
C LYS B 72 5.75 7.16 19.13
N ALA B 73 4.77 6.60 18.43
CA ALA B 73 3.64 7.35 17.89
C ALA B 73 2.52 7.41 18.93
N GLU B 74 1.96 8.59 19.16
CA GLU B 74 0.81 8.71 20.06
C GLU B 74 -0.49 8.81 19.26
N ASN B 75 -0.35 9.06 17.95
CA ASN B 75 -1.46 9.22 17.01
C ASN B 75 -1.53 8.05 16.06
N VAL B 76 -2.71 7.42 15.98
CA VAL B 76 -2.95 6.30 15.10
C VAL B 76 -4.16 6.64 14.25
N PHE B 77 -4.05 6.38 12.96
CA PHE B 77 -5.14 6.67 12.06
C PHE B 77 -5.54 5.42 11.34
N VAL B 78 -6.84 5.09 11.40
CA VAL B 78 -7.39 3.86 10.85
C VAL B 78 -7.93 4.18 9.48
N TYR B 79 -7.32 3.56 8.47
CA TYR B 79 -7.61 3.92 7.11
C TYR B 79 -8.09 2.70 6.32
N PRO B 80 -9.42 2.56 6.15
CA PRO B 80 -9.99 1.46 5.37
C PRO B 80 -9.52 1.50 3.89
N PHE B 81 -8.89 0.41 3.47
CA PHE B 81 -8.21 0.31 2.18
C PHE B 81 -8.44 -1.11 1.67
N ALA B 82 -9.39 -1.26 0.76
CA ALA B 82 -9.79 -2.58 0.24
C ALA B 82 -8.66 -3.22 -0.57
N HIS B 83 -7.86 -2.38 -1.22
CA HIS B 83 -6.86 -2.84 -2.19
C HIS B 83 -5.60 -3.48 -1.66
N LEU B 84 -5.57 -3.73 -0.35
CA LEU B 84 -4.50 -4.51 0.28
C LEU B 84 -4.80 -6.00 0.12
N SER B 85 -6.00 -6.31 -0.35
CA SER B 85 -6.47 -7.67 -0.54
C SER B 85 -7.51 -7.77 -1.64
N SER B 86 -7.57 -8.94 -2.27
CA SER B 86 -8.62 -9.25 -3.27
C SER B 86 -9.66 -10.23 -2.69
N GLU B 87 -9.48 -10.67 -1.45
CA GLU B 87 -10.39 -11.63 -0.83
C GLU B 87 -11.15 -11.00 0.35
N LEU B 88 -12.01 -10.04 0.02
CA LEU B 88 -12.67 -9.13 0.96
C LEU B 88 -13.87 -9.64 1.77
N ALA B 89 -14.04 -9.06 2.95
CA ALA B 89 -15.23 -9.25 3.75
C ALA B 89 -16.39 -8.45 3.19
N LYS B 90 -17.61 -8.80 3.60
CA LYS B 90 -18.81 -8.01 3.33
C LYS B 90 -18.72 -6.69 4.12
N PRO B 91 -19.16 -5.57 3.52
CA PRO B 91 -19.12 -4.23 4.13
C PRO B 91 -19.59 -4.11 5.58
N SER B 92 -20.74 -4.69 5.91
CA SER B 92 -21.23 -4.74 7.28
C SER B 92 -20.17 -5.33 8.24
N VAL B 93 -19.55 -6.42 7.83
CA VAL B 93 -18.50 -7.07 8.65
C VAL B 93 -17.23 -6.21 8.75
N ALA B 94 -16.82 -5.66 7.61
CA ALA B 94 -15.68 -4.77 7.51
C ALA B 94 -15.77 -3.59 8.47
N MET B 95 -16.95 -2.97 8.53
CA MET B 95 -17.19 -1.83 9.41
C MET B 95 -17.23 -2.19 10.87
N ASP B 96 -17.79 -3.34 11.19
CA ASP B 96 -17.80 -3.82 12.57
C ASP B 96 -16.35 -3.94 13.10
N ILE B 97 -15.52 -4.60 12.32
CA ILE B 97 -14.13 -4.84 12.69
C ILE B 97 -13.32 -3.53 12.83
N LEU B 98 -13.48 -2.60 11.88
CA LEU B 98 -12.86 -1.26 11.90
C LEU B 98 -13.25 -0.41 13.11
N ASN B 99 -14.52 -0.45 13.45
CA ASN B 99 -15.05 0.13 14.67
C ASN B 99 -14.41 -0.41 15.95
N ARG B 100 -14.33 -1.73 16.08
CA ARG B 100 -13.64 -2.39 17.20
C ARG B 100 -12.16 -1.99 17.22
N VAL B 101 -11.52 -2.01 16.05
CA VAL B 101 -10.09 -1.65 15.96
C VAL B 101 -9.89 -0.21 16.47
N TYR B 102 -10.67 0.74 15.93
CA TYR B 102 -10.73 2.12 16.42
C TYR B 102 -10.92 2.28 17.94
N GLN B 103 -12.00 1.71 18.47
CA GLN B 103 -12.28 1.82 19.89
C GLN B 103 -11.30 1.08 20.78
N GLY B 104 -10.71 -0.01 20.27
CA GLY B 104 -9.70 -0.74 21.01
C GLY B 104 -8.42 0.07 21.22
N LEU B 105 -8.06 0.85 20.21
CA LEU B 105 -6.87 1.70 20.25
C LEU B 105 -7.18 2.98 21.02
N LYS B 106 -8.43 3.42 20.95
CA LYS B 106 -8.94 4.49 21.79
C LYS B 106 -8.96 4.08 23.28
N GLU B 107 -9.37 2.85 23.53
CA GLU B 107 -9.31 2.27 24.87
C GLU B 107 -7.92 2.40 25.49
N ARG B 108 -6.90 2.05 24.70
CA ARG B 108 -5.52 1.98 25.19
C ARG B 108 -4.87 3.32 25.46
N GLY B 109 -5.46 4.40 24.96
CA GLY B 109 -4.98 5.75 25.29
C GLY B 109 -4.33 6.48 24.13
N PHE B 110 -4.33 5.84 22.95
CA PHE B 110 -3.90 6.53 21.74
C PHE B 110 -4.86 7.62 21.27
N ASN B 111 -4.32 8.60 20.58
CA ASN B 111 -5.13 9.58 19.86
C ASN B 111 -5.47 8.97 18.47
N VAL B 112 -6.70 8.51 18.31
CA VAL B 112 -7.07 7.64 17.19
C VAL B 112 -7.91 8.46 16.22
N GLY B 113 -7.68 8.31 14.93
CA GLY B 113 -8.53 8.94 13.92
C GLY B 113 -8.98 7.92 12.91
N LYS B 114 -9.99 8.24 12.11
CA LYS B 114 -10.42 7.31 11.07
C LYS B 114 -10.74 8.01 9.76
N ALA B 115 -10.74 7.25 8.66
CA ALA B 115 -11.30 7.76 7.43
C ALA B 115 -12.63 7.05 7.22
N PRO B 116 -13.60 7.74 6.62
CA PRO B 116 -14.91 7.23 6.27
C PRO B 116 -14.94 6.05 5.28
N PHE B 117 -15.84 5.11 5.55
CA PHE B 117 -15.87 3.81 4.92
C PHE B 117 -16.92 3.80 3.84
N GLY B 118 -16.56 3.24 2.68
CA GLY B 118 -17.48 3.05 1.56
C GLY B 118 -17.25 4.02 0.42
N TYR B 119 -16.20 4.82 0.56
CA TYR B 119 -15.92 5.93 -0.32
C TYR B 119 -14.59 5.82 -1.04
N TYR B 120 -14.51 6.50 -2.19
CA TYR B 120 -13.24 6.86 -2.83
C TYR B 120 -12.75 8.14 -2.18
N LYS B 121 -11.46 8.21 -1.92
CA LYS B 121 -10.87 9.34 -1.23
C LYS B 121 -9.51 9.70 -1.78
N ALA B 122 -9.28 10.99 -1.97
CA ALA B 122 -7.96 11.49 -2.32
C ALA B 122 -7.20 11.59 -1.01
N PHE B 123 -5.92 11.22 -1.01
CA PHE B 123 -5.17 11.29 0.23
C PHE B 123 -3.71 11.69 0.04
N LYS B 124 -3.11 12.19 1.10
CA LYS B 124 -1.72 12.57 1.16
C LYS B 124 -1.09 11.89 2.36
N ILE B 125 0.13 11.41 2.17
CA ILE B 125 0.88 10.77 3.24
C ILE B 125 2.34 10.99 2.94
N SER B 126 3.10 11.25 3.99
CA SER B 126 4.55 11.30 3.92
C SER B 126 5.13 10.23 4.84
N CYS B 127 5.65 9.14 4.28
CA CYS B 127 6.31 8.12 5.09
C CYS B 127 7.68 8.57 5.59
N LYS B 128 7.93 8.36 6.88
CA LYS B 128 9.25 8.63 7.42
C LYS B 128 10.04 7.43 6.90
N GLY B 129 11.27 7.59 6.48
CA GLY B 129 11.85 6.41 5.82
C GLY B 129 12.55 5.43 6.70
N HIS B 130 12.18 5.39 7.99
CA HIS B 130 12.91 4.60 9.00
C HIS B 130 12.70 3.12 8.86
N PRO B 131 13.67 2.29 9.36
CA PRO B 131 13.53 0.84 9.27
C PRO B 131 12.16 0.35 9.74
N LEU B 132 11.63 0.95 10.80
CA LEU B 132 10.35 0.47 11.36
C LEU B 132 9.10 1.14 10.78
N ALA B 133 9.29 2.11 9.86
CA ALA B 133 8.21 2.99 9.37
C ALA B 133 7.26 2.33 8.37
N GLU B 134 7.66 1.19 7.82
CA GLU B 134 6.76 0.44 6.98
C GLU B 134 6.70 -1.00 7.42
N LEU B 135 5.51 -1.45 7.83
CA LEU B 135 5.26 -2.82 8.31
C LEU B 135 3.92 -3.38 7.83
N SER B 136 3.91 -4.65 7.45
CA SER B 136 2.65 -5.28 7.07
C SER B 136 2.44 -6.57 7.85
N ARG B 137 1.18 -6.95 8.03
CA ARG B 137 0.85 -8.18 8.74
C ARG B 137 -0.38 -8.79 8.13
N THR B 138 -0.42 -10.11 8.09
CA THR B 138 -1.67 -10.81 7.83
C THR B 138 -2.17 -11.32 9.15
N ILE B 139 -3.44 -11.02 9.44
CA ILE B 139 -4.05 -11.40 10.69
C ILE B 139 -5.34 -12.14 10.37
N VAL B 140 -5.41 -13.39 10.78
CA VAL B 140 -6.54 -14.23 10.43
C VAL B 140 -7.03 -15.08 11.61
N PRO B 141 -8.36 -15.23 11.72
CA PRO B 141 -8.89 -15.98 12.84
C PRO B 141 -8.39 -17.41 12.85
N GLU B 142 -8.47 -18.02 14.03
CA GLU B 142 -8.32 -19.45 14.21
C GLU B 142 -9.36 -19.69 15.28
N GLU B 143 -10.53 -20.17 14.89
CA GLU B 143 -11.68 -20.19 15.81
C GLU B 143 -11.34 -20.84 17.17
C A3G C . 10.72 -1.66 0.77
N A3G C . 10.99 0.82 0.73
O A3G C . 9.74 -2.47 0.31
N1 A3G C . 9.70 -7.44 -3.70
C2 A3G C . 9.91 -6.13 -3.81
N3 A3G C . 10.91 -5.52 -3.18
C4 A3G C . 11.76 -6.21 -2.40
C5 A3G C . 11.59 -7.58 -2.28
C6 A3G C . 10.54 -8.20 -2.96
N6 A3G C . 10.39 -9.52 -2.84
N7 A3G C . 12.54 -8.05 -1.47
C8 A3G C . 13.30 -7.03 -1.11
N8 A3G C . 12.01 -2.00 0.79
N9 A3G C . 12.82 -5.91 -1.66
CA A3G C . 10.26 -0.30 1.31
C1' A3G C . 13.48 -4.54 -1.48
C2' A3G C . 12.56 -3.35 -1.24
O2' A3G C . 13.30 -2.21 -1.65
C3' A3G C . 12.44 -3.34 0.29
C4' A3G C . 13.85 -3.76 0.77
O4' A3G C . 14.37 -4.62 -0.30
C5' A3G C . 13.90 -4.54 2.08
O5' A3G C . 13.03 -5.65 2.02
C A3G D . -11.17 2.34 -0.55
N A3G D . -9.15 3.78 -0.26
O A3G D . -10.44 1.22 -0.28
N1 A3G D . -12.03 -3.60 3.87
C2 A3G D . -11.74 -2.30 3.91
N3 A3G D . -12.46 -1.37 3.27
C4 A3G D . -13.53 -1.77 2.55
C5 A3G D . -13.85 -3.13 2.49
C6 A3G D . -13.08 -4.05 3.16
N6 A3G D . -13.42 -5.36 3.09
N7 A3G D . -14.93 -3.26 1.75
C8 A3G D . -15.28 -2.05 1.33
N8 A3G D . -12.49 2.36 -0.50
N9 A3G D . -14.43 -1.14 1.79
CA A3G D . -10.45 3.65 -0.93
C1' A3G D . -14.60 0.31 1.58
C2' A3G D . -13.32 1.06 1.40
O2' A3G D . -13.53 2.31 2.07
C3' A3G D . -13.25 1.18 -0.13
C4' A3G D . -14.71 1.25 -0.58
O4' A3G D . -15.45 0.60 0.45
C5' A3G D . -15.08 0.53 -1.91
O5' A3G D . -14.76 -0.85 -1.89
#